data_7ZBB
#
_entry.id   7ZBB
#
_cell.length_a   94.010
_cell.length_b   94.010
_cell.length_c   132.562
_cell.angle_alpha   90.000
_cell.angle_beta   90.000
_cell.angle_gamma   120.000
#
_symmetry.space_group_name_H-M   'P 61'
#
loop_
_entity.id
_entity.type
_entity.pdbx_description
1 polymer 'Haloalkane dehalogenase'
2 non-polymer (E)-[7-azanyl-10-[2-carboxy-5-[2-[2-(6-chloranylhexoxy)ethoxy]ethylcarbamoyl]phenyl]-5,5-dimethyl-benzo[b][1]benzosilin-3-ylidene]-methyl-azanium
3 non-polymer GLYCEROL
4 non-polymer 'CHLORIDE ION'
5 water water
#
_entity_poly.entity_id   1
_entity_poly.type   'polypeptide(L)'
_entity_poly.pdbx_seq_one_letter_code
;MAEIGTGFPFDPHYVEVLGERMHYVDVGPRDGTPVLFLHGNPTSSYVWRNIIPHVAPTHRCIAPDLIGMGKSDKPDLGYF
FDDHVRFMDAFIEALGLEEVVLVIHDWGSALGFHWAKRNPERVKGIAFMEFIRPIPTWDEWPEFARETFQAFRTTDVGRK
LIIDQNVFIEGTLPMGVVRPLTEVEMDHYREPFLNPVDREPLWRFPNELPIAGEPANIVALVEEYMDWLHQSPVPKLLFW
GTPGVLIPPAEAARLAKSLPNCKAVDIGPGLNLLQEDNPDLIGSEIARWLSTLEISGHHHHHH
;
_entity_poly.pdbx_strand_id   A,B
#
# COMPACT_ATOMS: atom_id res chain seq x y z
N GLU A 3 10.88 4.23 -37.97
CA GLU A 3 10.22 3.00 -38.36
C GLU A 3 9.91 2.12 -37.15
N ILE A 4 8.65 1.75 -36.99
CA ILE A 4 8.23 0.75 -36.01
C ILE A 4 7.47 -0.29 -36.81
N GLY A 5 8.01 -1.52 -36.84
CA GLY A 5 7.46 -2.52 -37.73
C GLY A 5 6.13 -3.05 -37.24
N THR A 6 5.31 -3.45 -38.21
CA THR A 6 3.99 -4.02 -37.94
C THR A 6 3.92 -5.51 -38.22
N GLY A 7 4.96 -6.08 -38.82
CA GLY A 7 4.95 -7.49 -39.15
C GLY A 7 5.22 -8.36 -37.93
N PHE A 8 4.94 -9.66 -38.09
CA PHE A 8 5.04 -10.64 -37.01
C PHE A 8 5.74 -11.87 -37.58
N PRO A 9 7.04 -11.79 -37.78
CA PRO A 9 7.77 -12.84 -38.51
C PRO A 9 8.26 -13.97 -37.60
N PHE A 10 7.31 -14.66 -36.97
CA PHE A 10 7.64 -15.74 -36.06
C PHE A 10 6.80 -16.96 -36.40
N ASP A 11 7.45 -18.10 -36.61
CA ASP A 11 6.71 -19.33 -36.84
C ASP A 11 5.87 -19.66 -35.61
N PRO A 12 4.67 -20.22 -35.78
CA PRO A 12 3.85 -20.57 -34.62
C PRO A 12 4.39 -21.83 -33.96
N HIS A 13 4.41 -21.83 -32.63
CA HIS A 13 4.66 -23.04 -31.86
C HIS A 13 3.48 -23.28 -30.94
N TYR A 14 3.12 -24.54 -30.76
CA TYR A 14 1.98 -24.89 -29.93
C TYR A 14 2.39 -25.91 -28.88
N VAL A 15 1.80 -25.81 -27.69
CA VAL A 15 1.98 -26.79 -26.63
C VAL A 15 0.60 -27.06 -26.03
N GLU A 16 0.29 -28.32 -25.78
CA GLU A 16 -0.98 -28.68 -25.17
C GLU A 16 -0.88 -28.45 -23.66
N VAL A 17 -1.82 -27.68 -23.12
CA VAL A 17 -1.82 -27.27 -21.72
C VAL A 17 -3.24 -27.41 -21.18
N LEU A 18 -3.43 -28.26 -20.18
CA LEU A 18 -4.74 -28.42 -19.52
C LEU A 18 -5.85 -28.69 -20.54
N GLY A 19 -5.55 -29.53 -21.53
CA GLY A 19 -6.54 -29.86 -22.54
C GLY A 19 -6.71 -28.80 -23.59
N GLU A 20 -5.85 -27.79 -23.62
CA GLU A 20 -5.95 -26.68 -24.56
C GLU A 20 -4.62 -26.48 -25.25
N ARG A 21 -4.64 -25.78 -26.36
CA ARG A 21 -3.42 -25.50 -27.10
C ARG A 21 -3.07 -24.03 -26.86
N MET A 22 -1.87 -23.78 -26.36
CA MET A 22 -1.34 -22.43 -26.19
C MET A 22 -0.37 -22.16 -27.33
N HIS A 23 -0.42 -20.96 -27.91
CA HIS A 23 0.53 -20.56 -28.94
C HIS A 23 1.68 -19.76 -28.33
N TYR A 24 2.87 -19.87 -28.94
CA TYR A 24 3.99 -19.08 -28.43
C TYR A 24 5.03 -18.86 -29.51
N VAL A 25 5.72 -17.72 -29.41
CA VAL A 25 6.93 -17.44 -30.13
C VAL A 25 8.10 -18.12 -29.43
N ASP A 26 9.06 -18.60 -30.21
CA ASP A 26 10.24 -19.29 -29.67
C ASP A 26 11.38 -19.10 -30.68
N VAL A 27 12.27 -18.16 -30.38
CA VAL A 27 13.37 -17.81 -31.27
C VAL A 27 14.63 -17.64 -30.43
N GLY A 28 15.75 -17.44 -31.11
CA GLY A 28 17.01 -17.25 -30.46
C GLY A 28 17.68 -18.59 -30.22
N PRO A 29 18.85 -18.57 -29.60
CA PRO A 29 19.56 -19.83 -29.35
C PRO A 29 18.80 -20.73 -28.40
N ARG A 30 19.15 -22.02 -28.43
CA ARG A 30 18.46 -23.04 -27.66
C ARG A 30 18.98 -23.17 -26.25
N ASP A 31 20.25 -22.88 -26.03
CA ASP A 31 20.87 -23.04 -24.72
C ASP A 31 20.85 -21.72 -23.96
N GLY A 32 21.44 -21.72 -22.77
CA GLY A 32 21.42 -20.55 -21.91
C GLY A 32 20.08 -20.34 -21.23
N THR A 33 20.00 -19.28 -20.46
CA THR A 33 18.78 -18.93 -19.72
C THR A 33 17.76 -18.31 -20.68
N PRO A 34 16.52 -18.82 -20.71
CA PRO A 34 15.53 -18.25 -21.61
C PRO A 34 14.89 -16.98 -21.04
N VAL A 35 14.46 -16.12 -21.96
CA VAL A 35 13.77 -14.88 -21.64
C VAL A 35 12.30 -15.07 -21.99
N LEU A 36 11.45 -14.98 -20.97
CA LEU A 36 10.02 -15.28 -21.06
C LEU A 36 9.24 -13.97 -21.04
N PHE A 37 8.59 -13.65 -22.15
CA PHE A 37 7.87 -12.40 -22.33
C PHE A 37 6.38 -12.63 -22.11
N LEU A 38 5.78 -11.87 -21.20
CA LEU A 38 4.37 -12.05 -20.85
C LEU A 38 3.59 -10.78 -21.14
N HIS A 39 2.71 -10.83 -22.15
CA HIS A 39 1.81 -9.72 -22.47
C HIS A 39 0.66 -9.66 -21.45
N GLY A 40 -0.14 -8.59 -21.52
CA GLY A 40 -1.32 -8.42 -20.71
C GLY A 40 -2.54 -8.10 -21.56
N ASN A 41 -3.39 -7.16 -21.05
CA ASN A 41 -4.71 -6.88 -21.64
C ASN A 41 -4.66 -5.59 -22.45
N PRO A 42 -5.19 -5.55 -23.70
CA PRO A 42 -5.83 -6.62 -24.49
C PRO A 42 -4.89 -7.12 -25.59
N THR A 43 -3.61 -7.35 -25.28
CA THR A 43 -2.62 -7.55 -26.31
C THR A 43 -2.35 -9.04 -26.52
N SER A 44 -1.20 -9.37 -27.08
CA SER A 44 -0.75 -10.73 -27.32
C SER A 44 0.78 -10.68 -27.45
N SER A 45 1.41 -11.80 -27.83
CA SER A 45 2.84 -11.75 -28.14
C SER A 45 3.15 -10.72 -29.22
N TYR A 46 2.14 -10.27 -29.97
CA TYR A 46 2.36 -9.21 -30.96
C TYR A 46 2.95 -7.96 -30.31
N VAL A 47 2.63 -7.69 -29.03
CA VAL A 47 3.17 -6.49 -28.41
C VAL A 47 4.68 -6.53 -28.28
N TRP A 48 5.29 -7.72 -28.40
CA TRP A 48 6.73 -7.90 -28.22
C TRP A 48 7.48 -7.97 -29.55
N ARG A 49 6.77 -7.86 -30.67
CA ARG A 49 7.35 -8.13 -31.99
C ARG A 49 8.58 -7.29 -32.29
N ASN A 50 8.64 -6.08 -31.72
CA ASN A 50 9.74 -5.17 -31.98
C ASN A 50 10.76 -5.13 -30.84
N ILE A 51 10.50 -5.86 -29.75
CA ILE A 51 11.45 -6.01 -28.63
C ILE A 51 12.35 -7.21 -28.85
N ILE A 52 11.73 -8.34 -29.21
CA ILE A 52 12.40 -9.62 -29.38
C ILE A 52 13.62 -9.52 -30.29
N PRO A 53 13.58 -8.77 -31.40
CA PRO A 53 14.76 -8.75 -32.29
C PRO A 53 16.02 -8.25 -31.59
N HIS A 54 15.88 -7.51 -30.49
CA HIS A 54 17.04 -7.03 -29.74
C HIS A 54 17.61 -8.08 -28.80
N VAL A 55 16.83 -9.10 -28.45
CA VAL A 55 17.21 -10.07 -27.44
C VAL A 55 17.63 -11.41 -28.06
N ALA A 56 16.99 -11.82 -29.16
CA ALA A 56 17.20 -13.09 -29.85
C ALA A 56 18.64 -13.30 -30.33
N PRO A 57 19.44 -12.25 -30.60
CA PRO A 57 20.85 -12.51 -30.90
C PRO A 57 21.58 -13.29 -29.81
N THR A 58 21.18 -13.18 -28.54
CA THR A 58 21.95 -13.73 -27.44
C THR A 58 21.20 -14.67 -26.52
N HIS A 59 19.87 -14.71 -26.56
CA HIS A 59 19.06 -15.45 -25.61
C HIS A 59 17.85 -16.04 -26.29
N ARG A 60 17.45 -17.24 -25.87
CA ARG A 60 16.17 -17.76 -26.28
C ARG A 60 15.06 -16.81 -25.82
N CYS A 61 14.09 -16.56 -26.72
CA CYS A 61 12.96 -15.69 -26.45
C CYS A 61 11.68 -16.51 -26.54
N ILE A 62 10.97 -16.62 -25.42
CA ILE A 62 9.70 -17.36 -25.38
C ILE A 62 8.61 -16.36 -25.05
N ALA A 63 7.62 -16.26 -25.91
CA ALA A 63 6.56 -15.27 -25.76
C ALA A 63 5.23 -15.95 -26.02
N PRO A 64 4.58 -16.49 -24.98
CA PRO A 64 3.30 -17.17 -25.18
C PRO A 64 2.15 -16.17 -25.33
N ASP A 65 1.08 -16.66 -25.96
CA ASP A 65 -0.21 -15.98 -25.91
C ASP A 65 -0.99 -16.52 -24.71
N LEU A 66 -1.40 -15.63 -23.80
CA LEU A 66 -2.22 -16.08 -22.67
C LEU A 66 -3.44 -16.84 -23.18
N ILE A 67 -3.89 -17.83 -22.39
CA ILE A 67 -5.09 -18.56 -22.78
C ILE A 67 -6.21 -17.56 -23.01
N GLY A 68 -7.08 -17.86 -23.98
CA GLY A 68 -8.11 -16.91 -24.36
C GLY A 68 -7.64 -15.77 -25.24
N MET A 69 -6.34 -15.66 -25.57
CA MET A 69 -5.92 -14.53 -26.39
C MET A 69 -4.89 -14.91 -27.44
N GLY A 70 -4.57 -13.93 -28.29
CA GLY A 70 -3.65 -14.17 -29.38
C GLY A 70 -4.11 -15.33 -30.24
N LYS A 71 -3.17 -16.23 -30.56
CA LYS A 71 -3.47 -17.45 -31.30
C LYS A 71 -3.64 -18.65 -30.39
N SER A 72 -3.73 -18.45 -29.08
CA SER A 72 -4.03 -19.57 -28.21
C SER A 72 -5.51 -19.93 -28.28
N ASP A 73 -5.81 -21.16 -27.88
CA ASP A 73 -7.20 -21.62 -27.86
C ASP A 73 -8.03 -20.72 -26.95
N LYS A 74 -9.34 -20.78 -27.16
CA LYS A 74 -10.29 -19.90 -26.48
C LYS A 74 -11.39 -20.73 -25.84
N PRO A 75 -11.05 -21.50 -24.81
CA PRO A 75 -12.07 -22.29 -24.12
C PRO A 75 -13.10 -21.36 -23.48
N ASP A 76 -14.28 -21.92 -23.21
CA ASP A 76 -15.36 -21.15 -22.58
C ASP A 76 -15.19 -21.20 -21.05
N LEU A 77 -14.35 -20.30 -20.52
CA LEU A 77 -14.03 -20.22 -19.11
C LEU A 77 -14.48 -18.89 -18.52
N GLY A 78 -14.37 -18.77 -17.19
CA GLY A 78 -14.61 -17.49 -16.57
C GLY A 78 -13.45 -16.54 -16.76
N TYR A 79 -12.27 -17.07 -17.04
CA TYR A 79 -11.06 -16.29 -17.21
C TYR A 79 -10.73 -15.46 -15.98
N PHE A 80 -11.05 -15.99 -14.79
CA PHE A 80 -10.52 -15.42 -13.56
C PHE A 80 -9.00 -15.35 -13.65
N PHE A 81 -8.41 -14.44 -12.89
CA PHE A 81 -6.95 -14.40 -12.84
C PHE A 81 -6.38 -15.78 -12.51
N ASP A 82 -7.04 -16.53 -11.62
CA ASP A 82 -6.52 -17.85 -11.25
C ASP A 82 -6.49 -18.79 -12.44
N ASP A 83 -7.42 -18.66 -13.38
CA ASP A 83 -7.34 -19.46 -14.60
C ASP A 83 -6.03 -19.19 -15.32
N HIS A 84 -5.68 -17.92 -15.47
CA HIS A 84 -4.43 -17.57 -16.15
C HIS A 84 -3.23 -18.09 -15.37
N VAL A 85 -3.24 -17.96 -14.04
CA VAL A 85 -2.17 -18.52 -13.23
C VAL A 85 -1.98 -20.01 -13.54
N ARG A 86 -3.07 -20.78 -13.47
CA ARG A 86 -2.99 -22.22 -13.72
CA ARG A 86 -2.93 -22.21 -13.71
C ARG A 86 -2.48 -22.50 -15.14
N PHE A 87 -3.03 -21.80 -16.13
CA PHE A 87 -2.58 -22.05 -17.49
C PHE A 87 -1.10 -21.70 -17.64
N MET A 88 -0.67 -20.55 -17.09
CA MET A 88 0.72 -20.14 -17.29
C MET A 88 1.65 -21.08 -16.51
N ASP A 89 1.27 -21.45 -15.27
CA ASP A 89 2.02 -22.49 -14.57
C ASP A 89 2.19 -23.72 -15.44
N ALA A 90 1.12 -24.12 -16.15
CA ALA A 90 1.20 -25.33 -16.95
C ALA A 90 2.07 -25.13 -18.17
N PHE A 91 1.99 -23.95 -18.78
CA PHE A 91 2.82 -23.62 -19.94
C PHE A 91 4.30 -23.74 -19.57
N ILE A 92 4.69 -23.11 -18.48
CA ILE A 92 6.10 -23.09 -18.08
C ILE A 92 6.61 -24.52 -17.80
N GLU A 93 5.78 -25.36 -17.18
CA GLU A 93 6.23 -26.73 -16.92
C GLU A 93 6.24 -27.58 -18.19
N ALA A 94 5.26 -27.36 -19.06
CA ALA A 94 5.20 -28.10 -20.32
C ALA A 94 6.43 -27.86 -21.18
N LEU A 95 7.05 -26.68 -21.09
CA LEU A 95 8.26 -26.40 -21.86
C LEU A 95 9.52 -26.83 -21.13
N GLY A 96 9.39 -27.32 -19.91
CA GLY A 96 10.56 -27.77 -19.19
C GLY A 96 11.47 -26.65 -18.71
N LEU A 97 10.94 -25.43 -18.61
CA LEU A 97 11.78 -24.30 -18.19
C LEU A 97 12.26 -24.52 -16.77
N GLU A 98 13.51 -24.13 -16.52
CA GLU A 98 14.10 -24.27 -15.20
C GLU A 98 14.34 -22.86 -14.68
N GLU A 99 15.48 -22.25 -14.98
CA GLU A 99 15.69 -20.86 -14.64
C GLU A 99 15.22 -19.97 -15.81
N VAL A 100 14.69 -18.78 -15.47
CA VAL A 100 14.19 -17.87 -16.49
C VAL A 100 14.53 -16.42 -16.13
N VAL A 101 14.53 -15.58 -17.17
CA VAL A 101 14.46 -14.13 -17.03
C VAL A 101 13.06 -13.70 -17.48
N LEU A 102 12.41 -12.86 -16.70
CA LEU A 102 11.06 -12.39 -17.01
C LEU A 102 11.10 -11.01 -17.65
N VAL A 103 10.30 -10.83 -18.71
CA VAL A 103 10.02 -9.53 -19.32
C VAL A 103 8.49 -9.43 -19.36
N ILE A 104 7.91 -8.56 -18.53
CA ILE A 104 6.49 -8.65 -18.20
C ILE A 104 5.82 -7.28 -18.24
N HIS A 105 4.53 -7.28 -18.62
CA HIS A 105 3.79 -6.05 -18.85
C HIS A 105 2.34 -6.25 -18.42
N ASP A 106 1.80 -5.28 -17.68
CA ASP A 106 0.36 -5.22 -17.39
C ASP A 106 -0.03 -6.54 -16.73
N TRP A 107 -1.08 -7.24 -17.17
CA TRP A 107 -1.48 -8.45 -16.46
C TRP A 107 -0.43 -9.55 -16.57
N GLY A 108 0.40 -9.54 -17.63
CA GLY A 108 1.53 -10.46 -17.65
C GLY A 108 2.52 -10.23 -16.52
N SER A 109 2.58 -8.99 -16.01
CA SER A 109 3.44 -8.72 -14.85
C SER A 109 2.85 -9.31 -13.57
N ALA A 110 1.53 -9.29 -13.42
CA ALA A 110 0.96 -9.96 -12.25
C ALA A 110 1.23 -11.47 -12.31
N LEU A 111 1.11 -12.07 -13.49
CA LEU A 111 1.48 -13.49 -13.62
C LEU A 111 2.95 -13.70 -13.31
N GLY A 112 3.82 -12.85 -13.86
CA GLY A 112 5.25 -13.05 -13.67
C GLY A 112 5.69 -12.84 -12.23
N PHE A 113 5.23 -11.76 -11.60
CA PHE A 113 5.62 -11.51 -10.22
C PHE A 113 5.08 -12.59 -9.29
N HIS A 114 3.85 -13.05 -9.55
CA HIS A 114 3.25 -14.10 -8.71
C HIS A 114 3.97 -15.42 -8.88
N TRP A 115 4.43 -15.71 -10.10
CA TRP A 115 5.24 -16.90 -10.32
C TRP A 115 6.60 -16.76 -9.66
N ALA A 116 7.21 -15.57 -9.77
CA ALA A 116 8.52 -15.37 -9.17
C ALA A 116 8.48 -15.54 -7.65
N LYS A 117 7.48 -14.93 -6.99
CA LYS A 117 7.31 -15.12 -5.55
C LYS A 117 7.27 -16.59 -5.16
N ARG A 118 6.63 -17.43 -5.97
CA ARG A 118 6.47 -18.84 -5.66
C ARG A 118 7.67 -19.68 -6.09
N ASN A 119 8.50 -19.15 -6.98
CA ASN A 119 9.67 -19.87 -7.50
C ASN A 119 10.90 -18.96 -7.48
N PRO A 120 11.18 -18.33 -6.34
CA PRO A 120 12.19 -17.27 -6.33
C PRO A 120 13.55 -17.73 -6.82
N GLU A 121 13.91 -18.99 -6.59
CA GLU A 121 15.21 -19.49 -6.99
C GLU A 121 15.33 -19.61 -8.51
N ARG A 122 14.22 -19.69 -9.23
CA ARG A 122 14.28 -19.89 -10.68
C ARG A 122 14.30 -18.60 -11.47
N VAL A 123 14.21 -17.44 -10.83
CA VAL A 123 14.10 -16.17 -11.54
C VAL A 123 15.43 -15.45 -11.44
N LYS A 124 16.10 -15.27 -12.58
CA LYS A 124 17.41 -14.65 -12.61
C LYS A 124 17.34 -13.15 -12.79
N GLY A 125 16.19 -12.63 -13.21
CA GLY A 125 16.03 -11.20 -13.43
C GLY A 125 14.62 -10.92 -13.92
N ILE A 126 14.18 -9.67 -13.69
CA ILE A 126 12.84 -9.22 -14.07
C ILE A 126 12.94 -7.84 -14.68
N ALA A 127 12.59 -7.73 -15.97
CA ALA A 127 12.35 -6.46 -16.61
C ALA A 127 10.83 -6.26 -16.68
N PHE A 128 10.36 -5.09 -16.27
CA PHE A 128 8.92 -4.87 -16.19
C PHE A 128 8.60 -3.43 -16.53
N MET A 129 7.34 -3.22 -16.88
CA MET A 129 6.85 -1.92 -17.31
C MET A 129 5.35 -1.91 -17.05
N GLU A 130 4.82 -0.77 -16.66
CA GLU A 130 3.36 -0.57 -16.61
C GLU A 130 2.67 -1.82 -16.05
N PHE A 131 3.04 -2.15 -14.81
CA PHE A 131 2.70 -3.42 -14.18
C PHE A 131 1.57 -3.25 -13.17
N ILE A 132 0.99 -4.38 -12.74
CA ILE A 132 -0.14 -4.37 -11.81
C ILE A 132 0.37 -4.12 -10.39
N ARG A 133 -0.09 -3.06 -9.77
CA ARG A 133 0.23 -2.75 -8.39
C ARG A 133 -1.08 -2.36 -7.72
N PRO A 134 -1.13 -2.35 -6.39
CA PRO A 134 -2.34 -1.88 -5.71
C PRO A 134 -2.60 -0.40 -5.98
N ILE A 135 -3.86 -0.07 -6.28
CA ILE A 135 -4.26 1.32 -6.54
C ILE A 135 -5.26 1.71 -5.46
N PRO A 136 -4.80 2.23 -4.31
CA PRO A 136 -5.70 2.39 -3.15
C PRO A 136 -6.92 3.28 -3.41
N THR A 137 -6.80 4.26 -4.29
CA THR A 137 -7.84 5.22 -4.58
C THR A 137 -7.89 5.47 -6.08
N TRP A 138 -9.11 5.69 -6.61
CA TRP A 138 -9.26 6.02 -8.02
C TRP A 138 -8.54 7.31 -8.37
N ASP A 139 -8.24 8.15 -7.38
CA ASP A 139 -7.46 9.36 -7.63
C ASP A 139 -6.11 9.04 -8.25
N GLU A 140 -5.59 7.82 -8.01
CA GLU A 140 -4.33 7.38 -8.59
C GLU A 140 -4.46 6.88 -10.01
N TRP A 141 -5.69 6.66 -10.50
CA TRP A 141 -5.92 6.27 -11.89
C TRP A 141 -5.97 7.52 -12.77
N PRO A 142 -5.40 7.48 -13.97
CA PRO A 142 -5.32 8.72 -14.76
C PRO A 142 -6.72 9.28 -15.03
N GLU A 143 -6.86 10.58 -14.82
CA GLU A 143 -8.18 11.20 -14.86
C GLU A 143 -8.85 10.98 -16.21
N PHE A 144 -8.09 11.12 -17.30
CA PHE A 144 -8.67 10.94 -18.63
C PHE A 144 -9.23 9.53 -18.84
N ALA A 145 -8.79 8.56 -18.04
CA ALA A 145 -9.19 7.18 -18.21
C ALA A 145 -10.15 6.68 -17.14
N ARG A 146 -10.50 7.51 -16.15
CA ARG A 146 -11.16 7.02 -14.94
C ARG A 146 -12.61 6.59 -15.20
N GLU A 147 -13.38 7.42 -15.91
CA GLU A 147 -14.80 7.15 -16.09
C GLU A 147 -15.04 5.84 -16.84
N THR A 148 -14.27 5.60 -17.90
CA THR A 148 -14.43 4.39 -18.68
C THR A 148 -14.03 3.15 -17.87
N PHE A 149 -12.90 3.21 -17.15
CA PHE A 149 -12.53 2.01 -16.39
C PHE A 149 -13.50 1.76 -15.23
N GLN A 150 -14.09 2.81 -14.65
CA GLN A 150 -15.16 2.57 -13.68
C GLN A 150 -16.37 1.92 -14.34
N ALA A 151 -16.70 2.35 -15.57
CA ALA A 151 -17.81 1.70 -16.27
C ALA A 151 -17.48 0.26 -16.63
N PHE A 152 -16.23 -0.03 -17.03
CA PHE A 152 -15.83 -1.40 -17.30
C PHE A 152 -16.14 -2.31 -16.12
N ARG A 153 -15.97 -1.80 -14.90
CA ARG A 153 -16.11 -2.57 -13.67
C ARG A 153 -17.52 -2.54 -13.11
N THR A 154 -18.51 -2.46 -13.99
CA THR A 154 -19.90 -2.57 -13.61
C THR A 154 -20.52 -3.81 -14.22
N THR A 155 -21.61 -4.22 -13.57
CA THR A 155 -22.22 -5.52 -13.84
C THR A 155 -22.71 -5.60 -15.29
N ASP A 156 -23.54 -4.64 -15.71
CA ASP A 156 -24.13 -4.67 -17.04
C ASP A 156 -23.44 -3.72 -18.01
N VAL A 157 -23.33 -2.44 -17.65
CA VAL A 157 -22.68 -1.48 -18.53
C VAL A 157 -21.31 -2.00 -18.97
N GLY A 158 -20.58 -2.62 -18.04
CA GLY A 158 -19.21 -3.04 -18.36
C GLY A 158 -19.16 -4.08 -19.47
N ARG A 159 -20.05 -5.07 -19.41
CA ARG A 159 -20.07 -6.11 -20.44
C ARG A 159 -20.60 -5.58 -21.76
N LYS A 160 -21.57 -4.66 -21.70
CA LYS A 160 -22.04 -4.02 -22.92
C LYS A 160 -20.91 -3.33 -23.65
N LEU A 161 -20.07 -2.57 -22.93
CA LEU A 161 -18.95 -1.88 -23.57
C LEU A 161 -17.92 -2.85 -24.11
N ILE A 162 -17.46 -3.78 -23.28
CA ILE A 162 -16.30 -4.60 -23.64
C ILE A 162 -16.70 -5.78 -24.51
N ILE A 163 -17.73 -6.53 -24.09
CA ILE A 163 -18.09 -7.73 -24.83
C ILE A 163 -18.93 -7.39 -26.06
N ASP A 164 -19.99 -6.60 -25.90
CA ASP A 164 -20.86 -6.30 -27.01
C ASP A 164 -20.22 -5.31 -27.98
N GLN A 165 -19.78 -4.16 -27.50
CA GLN A 165 -19.29 -3.11 -28.39
C GLN A 165 -17.78 -3.12 -28.60
N ASN A 166 -17.05 -4.02 -27.93
CA ASN A 166 -15.60 -4.19 -28.14
C ASN A 166 -14.80 -2.92 -27.83
N VAL A 167 -15.23 -2.18 -26.81
CA VAL A 167 -14.59 -0.89 -26.53
C VAL A 167 -13.15 -1.06 -26.04
N PHE A 168 -12.83 -2.15 -25.35
CA PHE A 168 -11.45 -2.26 -24.88
C PHE A 168 -10.47 -2.32 -26.05
N ILE A 169 -10.89 -2.93 -27.16
CA ILE A 169 -10.01 -3.05 -28.33
C ILE A 169 -10.07 -1.77 -29.18
N GLU A 170 -11.27 -1.26 -29.43
CA GLU A 170 -11.42 -0.16 -30.39
C GLU A 170 -11.13 1.20 -29.78
N GLY A 171 -11.24 1.33 -28.45
CA GLY A 171 -11.05 2.61 -27.80
C GLY A 171 -9.92 2.62 -26.80
N THR A 172 -9.94 1.68 -25.86
CA THR A 172 -8.95 1.72 -24.79
C THR A 172 -7.55 1.42 -25.31
N LEU A 173 -7.41 0.41 -26.17
CA LEU A 173 -6.08 0.05 -26.64
C LEU A 173 -5.37 1.21 -27.33
N PRO A 174 -5.97 1.90 -28.29
CA PRO A 174 -5.25 3.03 -28.91
C PRO A 174 -4.99 4.16 -27.92
N MET A 175 -5.89 4.35 -26.95
CA MET A 175 -5.74 5.33 -25.88
C MET A 175 -4.64 4.93 -24.90
N GLY A 176 -4.10 3.72 -25.02
CA GLY A 176 -2.92 3.29 -24.29
C GLY A 176 -1.59 3.52 -25.00
N VAL A 177 -1.58 4.20 -26.14
CA VAL A 177 -0.38 4.46 -26.92
C VAL A 177 -0.35 5.94 -27.26
N VAL A 178 0.81 6.58 -27.12
CA VAL A 178 0.86 8.01 -27.43
C VAL A 178 0.75 8.23 -28.94
N ARG A 179 1.64 7.62 -29.71
CA ARG A 179 1.50 7.66 -31.16
C ARG A 179 0.23 6.94 -31.61
N PRO A 180 -0.26 7.22 -32.82
CA PRO A 180 -1.48 6.56 -33.30
C PRO A 180 -1.19 5.16 -33.86
N LEU A 181 -1.83 4.15 -33.29
CA LEU A 181 -1.75 2.81 -33.87
C LEU A 181 -2.35 2.83 -35.27
N THR A 182 -1.70 2.11 -36.20
CA THR A 182 -2.18 2.06 -37.57
C THR A 182 -3.29 1.01 -37.70
N GLU A 183 -3.97 1.03 -38.85
CA GLU A 183 -5.00 0.03 -39.09
C GLU A 183 -4.39 -1.35 -39.23
N VAL A 184 -3.17 -1.46 -39.74
CA VAL A 184 -2.51 -2.77 -39.80
C VAL A 184 -2.22 -3.28 -38.39
N GLU A 185 -1.71 -2.41 -37.51
CA GLU A 185 -1.46 -2.84 -36.14
C GLU A 185 -2.77 -3.19 -35.44
N MET A 186 -3.81 -2.40 -35.70
CA MET A 186 -5.09 -2.56 -35.03
C MET A 186 -5.71 -3.89 -35.49
N ASP A 187 -5.55 -4.23 -36.77
CA ASP A 187 -6.08 -5.51 -37.24
C ASP A 187 -5.43 -6.68 -36.53
N HIS A 188 -4.12 -6.60 -36.27
CA HIS A 188 -3.47 -7.68 -35.51
C HIS A 188 -4.06 -7.81 -34.13
N TYR A 189 -4.34 -6.67 -33.47
CA TYR A 189 -4.91 -6.71 -32.13
C TYR A 189 -6.39 -7.12 -32.13
N ARG A 190 -7.12 -6.76 -33.19
CA ARG A 190 -8.53 -7.14 -33.31
C ARG A 190 -8.69 -8.63 -33.56
N GLU A 191 -7.78 -9.22 -34.34
CA GLU A 191 -7.97 -10.58 -34.85
C GLU A 191 -8.51 -11.57 -33.83
N PRO A 192 -7.93 -11.71 -32.65
CA PRO A 192 -8.39 -12.77 -31.73
C PRO A 192 -9.81 -12.54 -31.21
N PHE A 193 -10.37 -11.34 -31.38
CA PHE A 193 -11.61 -11.00 -30.69
C PHE A 193 -12.70 -10.54 -31.67
N LEU A 194 -12.67 -11.04 -32.90
CA LEU A 194 -13.70 -10.64 -33.85
C LEU A 194 -15.09 -11.13 -33.43
N ASN A 195 -15.15 -12.19 -32.68
CA ASN A 195 -16.41 -12.76 -32.24
C ASN A 195 -16.70 -12.35 -30.80
N PRO A 196 -17.86 -11.74 -30.52
CA PRO A 196 -18.20 -11.34 -29.14
C PRO A 196 -18.03 -12.43 -28.10
N VAL A 197 -18.28 -13.69 -28.48
CA VAL A 197 -18.20 -14.74 -27.49
C VAL A 197 -16.78 -14.98 -27.01
N ASP A 198 -15.77 -14.47 -27.71
CA ASP A 198 -14.38 -14.65 -27.32
C ASP A 198 -13.83 -13.51 -26.45
N ARG A 199 -14.67 -12.58 -26.00
CA ARG A 199 -14.18 -11.37 -25.35
C ARG A 199 -14.25 -11.42 -23.82
N GLU A 200 -14.56 -12.57 -23.24
CA GLU A 200 -14.62 -12.64 -21.78
C GLU A 200 -13.31 -12.21 -21.13
N PRO A 201 -12.14 -12.66 -21.59
CA PRO A 201 -10.90 -12.21 -20.94
C PRO A 201 -10.76 -10.70 -20.92
N LEU A 202 -11.25 -10.01 -21.95
CA LEU A 202 -11.10 -8.56 -22.01
C LEU A 202 -11.86 -7.87 -20.90
N TRP A 203 -12.95 -8.49 -20.43
CA TRP A 203 -13.81 -7.91 -19.40
C TRP A 203 -13.36 -8.34 -18.00
N ARG A 204 -12.96 -9.60 -17.84
CA ARG A 204 -12.58 -10.04 -16.51
C ARG A 204 -11.32 -9.31 -16.02
N PHE A 205 -10.39 -8.97 -16.92
CA PHE A 205 -9.14 -8.35 -16.52
C PHE A 205 -9.33 -6.99 -15.84
N PRO A 206 -10.04 -6.02 -16.43
CA PRO A 206 -10.24 -4.75 -15.71
C PRO A 206 -11.05 -4.91 -14.42
N ASN A 207 -11.90 -5.93 -14.34
CA ASN A 207 -12.62 -6.25 -13.12
C ASN A 207 -11.75 -6.93 -12.06
N GLU A 208 -10.55 -7.39 -12.40
N GLU A 208 -10.55 -7.37 -12.40
CA GLU A 208 -9.63 -7.90 -11.40
CA GLU A 208 -9.63 -7.88 -11.42
C GLU A 208 -8.57 -6.89 -10.99
C GLU A 208 -8.59 -6.86 -10.97
N LEU A 209 -8.55 -5.70 -11.59
CA LEU A 209 -7.56 -4.68 -11.19
C LEU A 209 -7.74 -4.34 -9.71
N PRO A 210 -6.67 -4.34 -8.91
CA PRO A 210 -6.85 -4.08 -7.46
C PRO A 210 -6.90 -2.58 -7.19
N ILE A 211 -8.10 -2.01 -7.33
CA ILE A 211 -8.34 -0.58 -7.19
C ILE A 211 -9.34 -0.38 -6.06
N ALA A 212 -8.98 0.49 -5.09
CA ALA A 212 -9.85 0.83 -3.95
C ALA A 212 -10.30 -0.41 -3.19
N GLY A 213 -9.41 -1.38 -3.08
CA GLY A 213 -9.63 -2.53 -2.22
C GLY A 213 -10.36 -3.68 -2.86
N GLU A 214 -10.74 -3.58 -4.13
CA GLU A 214 -11.51 -4.69 -4.68
C GLU A 214 -11.07 -5.00 -6.10
N PRO A 215 -11.12 -6.27 -6.50
CA PRO A 215 -11.53 -7.41 -5.65
C PRO A 215 -10.47 -7.73 -4.60
N ALA A 216 -10.92 -7.98 -3.37
CA ALA A 216 -10.01 -8.12 -2.23
C ALA A 216 -9.00 -9.24 -2.42
N ASN A 217 -9.41 -10.34 -3.06
CA ASN A 217 -8.49 -11.45 -3.22
C ASN A 217 -7.35 -11.09 -4.15
N ILE A 218 -7.60 -10.25 -5.15
CA ILE A 218 -6.53 -9.82 -6.03
C ILE A 218 -5.66 -8.76 -5.35
N VAL A 219 -6.27 -7.87 -4.58
CA VAL A 219 -5.47 -6.94 -3.76
C VAL A 219 -4.46 -7.74 -2.94
N ALA A 220 -4.93 -8.79 -2.27
CA ALA A 220 -4.07 -9.61 -1.42
C ALA A 220 -2.93 -10.22 -2.20
N LEU A 221 -3.25 -10.83 -3.35
CA LEU A 221 -2.22 -11.47 -4.16
C LEU A 221 -1.20 -10.44 -4.64
N VAL A 222 -1.65 -9.27 -5.07
CA VAL A 222 -0.73 -8.26 -5.58
C VAL A 222 0.10 -7.68 -4.44
N GLU A 223 -0.51 -7.44 -3.27
CA GLU A 223 0.27 -7.02 -2.11
C GLU A 223 1.35 -8.04 -1.77
N GLU A 224 1.03 -9.33 -1.89
CA GLU A 224 1.99 -10.37 -1.55
C GLU A 224 3.23 -10.28 -2.44
N TYR A 225 3.04 -10.20 -3.76
CA TYR A 225 4.23 -10.18 -4.61
C TYR A 225 4.93 -8.82 -4.63
N MET A 226 4.23 -7.72 -4.35
CA MET A 226 4.96 -6.46 -4.19
C MET A 226 5.84 -6.49 -2.94
N ASP A 227 5.36 -7.12 -1.86
CA ASP A 227 6.21 -7.27 -0.68
C ASP A 227 7.43 -8.13 -0.99
N TRP A 228 7.22 -9.24 -1.71
CA TRP A 228 8.34 -10.08 -2.13
C TRP A 228 9.33 -9.29 -2.99
N LEU A 229 8.82 -8.46 -3.90
CA LEU A 229 9.70 -7.67 -4.76
C LEU A 229 10.53 -6.68 -3.96
N HIS A 230 9.95 -6.09 -2.91
CA HIS A 230 10.67 -5.11 -2.11
C HIS A 230 11.81 -5.76 -1.33
N GLN A 231 11.68 -7.05 -0.99
CA GLN A 231 12.73 -7.75 -0.25
C GLN A 231 13.67 -8.54 -1.13
N SER A 232 13.30 -8.84 -2.39
CA SER A 232 14.14 -9.74 -3.18
C SER A 232 15.38 -9.01 -3.69
N PRO A 233 16.52 -9.70 -3.75
CA PRO A 233 17.70 -9.13 -4.39
C PRO A 233 17.77 -9.32 -5.91
N VAL A 234 16.73 -9.90 -6.51
CA VAL A 234 16.79 -10.23 -7.94
C VAL A 234 17.09 -8.98 -8.76
N PRO A 235 17.90 -9.05 -9.82
CA PRO A 235 18.04 -7.89 -10.70
C PRO A 235 16.69 -7.45 -11.25
N LYS A 236 16.45 -6.14 -11.21
CA LYS A 236 15.20 -5.55 -11.67
C LYS A 236 15.52 -4.44 -12.66
N LEU A 237 14.68 -4.33 -13.69
CA LEU A 237 14.78 -3.28 -14.70
C LEU A 237 13.37 -2.77 -14.98
N LEU A 238 13.12 -1.50 -14.67
CA LEU A 238 11.80 -0.88 -14.79
C LEU A 238 11.82 0.14 -15.91
N PHE A 239 10.90 -0.01 -16.87
CA PHE A 239 10.67 0.99 -17.92
C PHE A 239 9.40 1.78 -17.60
N TRP A 240 9.49 3.09 -17.74
CA TRP A 240 8.34 3.95 -17.47
C TRP A 240 8.30 5.05 -18.52
N GLY A 241 7.13 5.67 -18.67
CA GLY A 241 6.96 6.80 -19.55
C GLY A 241 6.16 7.90 -18.88
N THR A 242 5.97 8.99 -19.62
CA THR A 242 5.19 10.13 -19.17
C THR A 242 3.98 10.32 -20.06
N PRO A 243 2.76 10.39 -19.50
CA PRO A 243 2.40 10.33 -18.08
C PRO A 243 2.26 8.90 -17.54
N GLY A 244 2.38 7.86 -18.37
CA GLY A 244 2.06 6.51 -17.94
C GLY A 244 0.57 6.33 -17.67
N VAL A 245 0.22 5.13 -17.23
CA VAL A 245 -1.16 4.83 -16.86
C VAL A 245 -1.16 4.16 -15.49
N LEU A 246 -0.62 2.93 -15.42
CA LEU A 246 -0.50 2.22 -14.14
C LEU A 246 0.63 2.79 -13.28
N ILE A 247 1.70 3.25 -13.90
CA ILE A 247 2.91 3.64 -13.19
C ILE A 247 3.25 5.07 -13.61
N PRO A 248 2.78 6.07 -12.89
CA PRO A 248 3.12 7.46 -13.21
C PRO A 248 4.57 7.74 -12.85
N PRO A 249 5.16 8.81 -13.40
CA PRO A 249 6.58 9.09 -13.15
C PRO A 249 6.99 9.13 -11.69
N ALA A 250 6.15 9.67 -10.80
CA ALA A 250 6.51 9.72 -9.39
C ALA A 250 6.56 8.33 -8.79
N GLU A 251 5.59 7.48 -9.12
CA GLU A 251 5.65 6.09 -8.68
C GLU A 251 6.92 5.41 -9.17
N ALA A 252 7.24 5.59 -10.46
CA ALA A 252 8.46 4.98 -11.00
C ALA A 252 9.69 5.42 -10.20
N ALA A 253 9.78 6.71 -9.87
CA ALA A 253 10.95 7.19 -9.15
C ALA A 253 11.02 6.57 -7.76
N ARG A 254 9.90 6.59 -7.03
CA ARG A 254 9.80 5.89 -5.75
C ARG A 254 10.34 4.47 -5.86
N LEU A 255 9.87 3.73 -6.87
CA LEU A 255 10.20 2.32 -6.96
C LEU A 255 11.68 2.12 -7.23
N ALA A 256 12.28 3.03 -8.00
CA ALA A 256 13.70 2.94 -8.28
C ALA A 256 14.53 3.04 -6.99
N LYS A 257 14.03 3.74 -5.97
CA LYS A 257 14.72 3.83 -4.69
C LYS A 257 14.35 2.72 -3.72
N SER A 258 13.08 2.28 -3.71
CA SER A 258 12.64 1.30 -2.72
C SER A 258 12.92 -0.14 -3.13
N LEU A 259 12.94 -0.48 -4.42
CA LEU A 259 13.19 -1.87 -4.78
C LEU A 259 14.70 -2.15 -4.84
N PRO A 260 15.21 -3.23 -4.26
CA PRO A 260 16.64 -3.52 -4.38
C PRO A 260 17.07 -3.79 -5.82
N ASN A 261 18.33 -3.46 -6.12
CA ASN A 261 18.96 -3.81 -7.38
CA ASN A 261 18.96 -3.80 -7.39
C ASN A 261 18.07 -3.48 -8.58
N CYS A 262 17.49 -2.29 -8.55
CA CYS A 262 16.53 -1.84 -9.54
C CYS A 262 17.07 -0.67 -10.33
N LYS A 263 17.10 -0.82 -11.65
CA LYS A 263 17.44 0.25 -12.59
C LYS A 263 16.17 0.70 -13.31
N ALA A 264 15.96 2.01 -13.38
CA ALA A 264 14.76 2.54 -14.02
C ALA A 264 15.13 3.35 -15.26
N VAL A 265 14.37 3.14 -16.33
CA VAL A 265 14.66 3.72 -17.64
C VAL A 265 13.45 4.53 -18.13
N ASP A 266 13.68 5.82 -18.39
CA ASP A 266 12.69 6.72 -18.94
C ASP A 266 12.64 6.54 -20.46
N ILE A 267 11.50 6.07 -20.98
CA ILE A 267 11.35 5.84 -22.41
C ILE A 267 10.75 7.04 -23.12
N GLY A 268 10.43 8.11 -22.39
CA GLY A 268 9.86 9.29 -22.99
C GLY A 268 8.36 9.29 -22.91
N PRO A 269 7.70 9.90 -23.87
CA PRO A 269 6.23 9.87 -23.89
C PRO A 269 5.74 8.42 -23.90
N GLY A 270 4.83 8.09 -22.98
CA GLY A 270 4.24 6.77 -22.97
C GLY A 270 3.02 6.68 -22.09
N LEU A 271 2.13 5.71 -22.36
CA LEU A 271 0.92 5.52 -21.59
C LEU A 271 0.97 4.12 -21.03
N ASN A 272 0.29 3.13 -21.64
CA ASN A 272 0.36 1.77 -21.12
C ASN A 272 1.17 0.84 -22.01
N LEU A 273 0.94 0.82 -23.32
CA LEU A 273 1.72 -0.07 -24.20
C LEU A 273 3.02 0.64 -24.57
N LEU A 274 3.93 0.72 -23.58
CA LEU A 274 5.22 1.38 -23.79
C LEU A 274 5.99 0.75 -24.95
N GLN A 275 5.81 -0.57 -25.16
CA GLN A 275 6.50 -1.24 -26.26
C GLN A 275 6.12 -0.65 -27.62
N GLU A 276 4.95 -0.02 -27.73
CA GLU A 276 4.51 0.53 -29.02
C GLU A 276 5.00 1.96 -29.25
N ASP A 277 5.46 2.64 -28.20
CA ASP A 277 5.95 4.01 -28.33
C ASP A 277 7.45 4.12 -28.45
N ASN A 278 8.20 3.23 -27.79
CA ASN A 278 9.65 3.27 -27.91
C ASN A 278 10.21 1.85 -27.82
N PRO A 279 9.91 0.98 -28.80
CA PRO A 279 10.44 -0.40 -28.72
C PRO A 279 11.95 -0.44 -28.82
N ASP A 280 12.56 0.47 -29.58
CA ASP A 280 14.01 0.39 -29.78
C ASP A 280 14.74 0.58 -28.46
N LEU A 281 14.35 1.58 -27.67
CA LEU A 281 15.02 1.77 -26.38
C LEU A 281 14.78 0.56 -25.47
N ILE A 282 13.54 0.06 -25.44
CA ILE A 282 13.20 -0.99 -24.48
C ILE A 282 13.96 -2.27 -24.80
N GLY A 283 14.03 -2.64 -26.09
CA GLY A 283 14.77 -3.84 -26.44
C GLY A 283 16.27 -3.66 -26.28
N SER A 284 16.79 -2.52 -26.71
CA SER A 284 18.24 -2.33 -26.60
C SER A 284 18.67 -2.31 -25.13
N GLU A 285 17.85 -1.74 -24.25
CA GLU A 285 18.20 -1.70 -22.82
C GLU A 285 18.08 -3.08 -22.18
N ILE A 286 17.06 -3.86 -22.57
CA ILE A 286 16.97 -5.23 -22.06
C ILE A 286 18.21 -6.01 -22.47
N ALA A 287 18.68 -5.80 -23.71
CA ALA A 287 19.83 -6.53 -24.20
C ALA A 287 21.07 -6.20 -23.38
N ARG A 288 21.32 -4.91 -23.15
CA ARG A 288 22.54 -4.56 -22.41
C ARG A 288 22.41 -4.95 -20.94
N TRP A 289 21.21 -4.84 -20.38
CA TRP A 289 20.98 -5.32 -19.03
C TRP A 289 21.24 -6.83 -18.93
N LEU A 290 20.79 -7.59 -19.92
CA LEU A 290 21.02 -9.04 -19.92
C LEU A 290 22.49 -9.39 -19.97
N SER A 291 23.29 -8.57 -20.65
CA SER A 291 24.70 -8.90 -20.79
C SER A 291 25.46 -8.68 -19.50
N THR A 292 24.92 -7.86 -18.58
CA THR A 292 25.54 -7.59 -17.29
C THR A 292 25.02 -8.46 -16.16
N LEU A 293 23.94 -9.21 -16.38
CA LEU A 293 23.48 -10.12 -15.33
C LEU A 293 24.55 -11.19 -15.07
N GLU B 3 11.65 4.37 38.71
CA GLU B 3 10.35 4.95 38.99
C GLU B 3 9.62 5.45 37.74
N ILE B 4 8.41 4.93 37.52
CA ILE B 4 7.50 5.42 36.47
C ILE B 4 6.17 5.69 37.15
N GLY B 5 5.81 6.97 37.26
CA GLY B 5 4.65 7.33 38.06
C GLY B 5 3.36 6.76 37.50
N THR B 6 2.40 6.54 38.39
CA THR B 6 1.07 6.09 38.01
C THR B 6 0.00 7.11 38.32
N GLY B 7 0.36 8.22 38.96
CA GLY B 7 -0.58 9.28 39.20
C GLY B 7 -0.87 10.07 37.95
N PHE B 8 -1.96 10.82 38.00
CA PHE B 8 -2.46 11.66 36.91
C PHE B 8 -2.82 13.01 37.48
N PRO B 9 -1.83 13.80 37.87
CA PRO B 9 -2.10 15.01 38.66
C PRO B 9 -2.45 16.20 37.78
N PHE B 10 -3.57 16.10 37.07
CA PHE B 10 -4.00 17.11 36.11
C PHE B 10 -5.46 17.45 36.37
N ASP B 11 -5.78 18.75 36.53
CA ASP B 11 -7.18 19.11 36.68
C ASP B 11 -7.95 18.81 35.39
N PRO B 12 -9.19 18.33 35.50
CA PRO B 12 -10.00 18.10 34.30
C PRO B 12 -10.41 19.39 33.65
N HIS B 13 -10.44 19.37 32.31
CA HIS B 13 -10.95 20.48 31.52
C HIS B 13 -11.89 19.90 30.50
N TYR B 14 -13.01 20.57 30.25
CA TYR B 14 -14.00 20.04 29.32
C TYR B 14 -14.37 21.09 28.29
N VAL B 15 -14.63 20.66 27.07
CA VAL B 15 -15.12 21.54 26.01
C VAL B 15 -16.27 20.82 25.29
N GLU B 16 -17.36 21.54 25.05
CA GLU B 16 -18.46 20.96 24.26
C GLU B 16 -18.07 20.92 22.80
N VAL B 17 -18.19 19.73 22.21
CA VAL B 17 -17.79 19.46 20.84
C VAL B 17 -18.91 18.64 20.21
N LEU B 18 -19.54 19.16 19.16
CA LEU B 18 -20.55 18.40 18.43
C LEU B 18 -21.61 17.83 19.38
N GLY B 19 -22.08 18.65 20.31
CA GLY B 19 -23.04 18.20 21.30
C GLY B 19 -22.50 17.23 22.33
N GLU B 20 -21.21 16.97 22.34
CA GLU B 20 -20.60 16.07 23.32
C GLU B 20 -19.61 16.86 24.16
N ARG B 21 -19.24 16.30 25.31
CA ARG B 21 -18.22 16.88 26.15
C ARG B 21 -16.95 16.04 25.96
N MET B 22 -15.85 16.69 25.60
CA MET B 22 -14.54 16.02 25.58
C MET B 22 -13.66 16.54 26.71
N HIS B 23 -12.96 15.61 27.36
CA HIS B 23 -12.04 15.92 28.44
C HIS B 23 -10.63 16.10 27.87
N TYR B 24 -9.88 17.02 28.48
CA TYR B 24 -8.50 17.22 28.07
C TYR B 24 -7.68 17.77 29.23
N VAL B 25 -6.39 17.43 29.20
CA VAL B 25 -5.37 18.01 30.06
C VAL B 25 -4.92 19.33 29.47
N ASP B 26 -4.70 20.35 30.32
CA ASP B 26 -4.24 21.66 29.88
C ASP B 26 -3.32 22.24 30.97
N VAL B 27 -1.99 22.11 30.78
CA VAL B 27 -1.02 22.60 31.77
C VAL B 27 0.12 23.32 31.05
N GLY B 28 0.98 23.94 31.85
CA GLY B 28 2.10 24.72 31.34
C GLY B 28 1.68 26.14 31.05
N PRO B 29 2.59 26.95 30.52
CA PRO B 29 2.27 28.37 30.26
C PRO B 29 1.09 28.53 29.30
N ARG B 30 0.36 29.64 29.46
CA ARG B 30 -0.82 29.89 28.63
C ARG B 30 -0.47 30.41 27.24
N ASP B 31 0.67 31.04 27.08
CA ASP B 31 1.04 31.66 25.82
C ASP B 31 2.08 30.83 25.07
N GLY B 32 2.32 31.22 23.81
CA GLY B 32 3.23 30.50 22.94
C GLY B 32 2.53 29.36 22.21
N THR B 33 3.34 28.59 21.46
CA THR B 33 2.81 27.49 20.65
C THR B 33 2.47 26.29 21.52
N PRO B 34 1.24 25.78 21.47
CA PRO B 34 0.89 24.61 22.28
C PRO B 34 1.39 23.31 21.67
N VAL B 35 1.66 22.36 22.55
CA VAL B 35 2.00 20.99 22.19
C VAL B 35 0.76 20.14 22.41
N LEU B 36 0.23 19.57 21.33
CA LEU B 36 -1.00 18.78 21.35
C LEU B 36 -0.61 17.31 21.34
N PHE B 37 -1.03 16.58 22.38
CA PHE B 37 -0.72 15.17 22.55
C PHE B 37 -1.94 14.33 22.18
N LEU B 38 -1.77 13.39 21.25
CA LEU B 38 -2.89 12.57 20.79
C LEU B 38 -2.60 11.10 21.05
N HIS B 39 -3.38 10.50 21.94
CA HIS B 39 -3.26 9.08 22.24
C HIS B 39 -3.98 8.25 21.18
N GLY B 40 -3.85 6.91 21.29
CA GLY B 40 -4.47 5.96 20.38
C GLY B 40 -5.22 4.87 21.13
N ASN B 41 -5.14 3.65 20.58
CA ASN B 41 -5.96 2.54 21.07
C ASN B 41 -5.12 1.57 21.89
N PRO B 42 -5.59 1.13 23.08
CA PRO B 42 -6.83 1.48 23.76
C PRO B 42 -6.59 2.47 24.89
N THR B 43 -5.82 3.53 24.69
CA THR B 43 -5.34 4.31 25.81
C THR B 43 -6.16 5.60 25.99
N SER B 44 -5.58 6.58 26.68
CA SER B 44 -6.19 7.87 26.95
C SER B 44 -5.06 8.86 27.17
N SER B 45 -5.41 10.09 27.54
CA SER B 45 -4.34 11.00 27.94
C SER B 45 -3.49 10.43 29.07
N TYR B 46 -4.01 9.45 29.82
CA TYR B 46 -3.20 8.79 30.84
C TYR B 46 -1.82 8.38 30.31
N VAL B 47 -1.72 8.02 29.01
CA VAL B 47 -0.49 7.47 28.46
C VAL B 47 0.61 8.51 28.36
N TRP B 48 0.26 9.81 28.43
CA TRP B 48 1.19 10.93 28.39
C TRP B 48 1.57 11.45 29.78
N ARG B 49 1.06 10.82 30.85
CA ARG B 49 1.20 11.40 32.19
C ARG B 49 2.66 11.64 32.58
N ASN B 50 3.57 10.79 32.14
CA ASN B 50 4.98 10.92 32.49
C ASN B 50 5.82 11.57 31.39
N ILE B 51 5.19 11.98 30.30
CA ILE B 51 5.86 12.76 29.26
C ILE B 51 5.61 14.24 29.44
N ILE B 52 4.37 14.57 29.79
CA ILE B 52 3.99 15.99 29.99
C ILE B 52 4.89 16.71 30.98
N PRO B 53 5.34 16.10 32.09
CA PRO B 53 6.14 16.89 33.05
C PRO B 53 7.46 17.40 32.48
N HIS B 54 7.95 16.80 31.40
CA HIS B 54 9.16 17.27 30.73
C HIS B 54 8.91 18.46 29.82
N VAL B 55 7.67 18.66 29.38
CA VAL B 55 7.36 19.65 28.35
C VAL B 55 6.68 20.86 29.00
N ALA B 56 5.87 20.61 30.02
CA ALA B 56 5.12 21.69 30.66
C ALA B 56 5.99 22.81 31.22
N PRO B 57 7.27 22.63 31.55
CA PRO B 57 8.04 23.79 32.03
C PRO B 57 8.09 24.94 31.03
N THR B 58 8.01 24.67 29.74
CA THR B 58 8.24 25.69 28.73
C THR B 58 7.13 25.80 27.69
N HIS B 59 6.21 24.84 27.61
CA HIS B 59 5.19 24.88 26.58
C HIS B 59 3.86 24.45 27.16
N ARG B 60 2.80 25.11 26.72
CA ARG B 60 1.46 24.63 26.99
C ARG B 60 1.33 23.20 26.47
N CYS B 61 0.77 22.34 27.31
CA CYS B 61 0.52 20.94 26.95
C CYS B 61 -0.98 20.72 26.96
N ILE B 62 -1.52 20.25 25.84
CA ILE B 62 -2.93 19.94 25.70
C ILE B 62 -3.02 18.48 25.31
N ALA B 63 -3.75 17.69 26.10
CA ALA B 63 -3.84 16.25 25.87
C ALA B 63 -5.29 15.82 25.99
N PRO B 64 -6.01 15.77 24.88
CA PRO B 64 -7.41 15.34 24.89
C PRO B 64 -7.59 13.83 24.96
N ASP B 65 -8.71 13.43 25.53
CA ASP B 65 -9.20 12.06 25.43
C ASP B 65 -10.05 12.00 24.16
N LEU B 66 -9.72 11.07 23.25
CA LEU B 66 -10.56 10.91 22.06
C LEU B 66 -12.00 10.66 22.46
N ILE B 67 -12.93 11.09 21.61
CA ILE B 67 -14.33 10.83 21.88
C ILE B 67 -14.53 9.33 22.05
N GLY B 68 -15.42 8.95 22.98
CA GLY B 68 -15.62 7.57 23.35
C GLY B 68 -14.57 6.97 24.24
N MET B 69 -13.52 7.72 24.60
CA MET B 69 -12.49 7.14 25.45
C MET B 69 -12.07 8.13 26.54
N GLY B 70 -11.22 7.64 27.45
CA GLY B 70 -10.81 8.40 28.62
C GLY B 70 -11.99 8.90 29.43
N LYS B 71 -11.96 10.19 29.76
CA LYS B 71 -13.06 10.82 30.47
C LYS B 71 -13.94 11.64 29.55
N SER B 72 -13.78 11.46 28.25
CA SER B 72 -14.68 12.13 27.31
C SER B 72 -16.02 11.38 27.27
N ASP B 73 -17.04 12.06 26.74
CA ASP B 73 -18.35 11.44 26.64
C ASP B 73 -18.26 10.25 25.69
N LYS B 74 -19.26 9.38 25.79
CA LYS B 74 -19.29 8.12 25.04
C LYS B 74 -20.62 8.04 24.29
N PRO B 75 -20.83 8.92 23.32
CA PRO B 75 -22.06 8.84 22.52
C PRO B 75 -22.13 7.49 21.82
N ASP B 76 -23.35 7.10 21.49
CA ASP B 76 -23.61 5.84 20.81
C ASP B 76 -23.39 6.05 19.32
N LEU B 77 -22.13 5.93 18.89
CA LEU B 77 -21.74 6.13 17.50
C LEU B 77 -21.18 4.83 16.93
N GLY B 78 -21.04 4.83 15.60
CA GLY B 78 -20.30 3.77 14.96
C GLY B 78 -18.82 3.82 15.26
N TYR B 79 -18.29 5.02 15.53
CA TYR B 79 -16.86 5.22 15.80
C TYR B 79 -16.00 4.84 14.59
N PHE B 80 -16.47 5.21 13.39
CA PHE B 80 -15.60 5.17 12.24
C PHE B 80 -14.44 6.13 12.42
N PHE B 81 -13.31 5.85 11.77
CA PHE B 81 -12.20 6.80 11.86
C PHE B 81 -12.67 8.23 11.59
N ASP B 82 -13.54 8.40 10.59
CA ASP B 82 -13.99 9.76 10.26
C ASP B 82 -14.73 10.40 11.42
N ASP B 83 -15.37 9.60 12.28
CA ASP B 83 -16.00 10.17 13.47
C ASP B 83 -14.96 10.85 14.34
N HIS B 84 -13.82 10.18 14.54
CA HIS B 84 -12.72 10.76 15.33
C HIS B 84 -12.15 11.98 14.63
N VAL B 85 -12.08 11.95 13.30
CA VAL B 85 -11.56 13.11 12.56
C VAL B 85 -12.41 14.33 12.87
N ARG B 86 -13.73 14.19 12.74
N ARG B 86 -13.74 14.19 12.75
CA ARG B 86 -14.61 15.34 12.94
CA ARG B 86 -14.60 15.35 12.95
C ARG B 86 -14.55 15.82 14.39
C ARG B 86 -14.56 15.83 14.39
N PHE B 87 -14.53 14.90 15.35
CA PHE B 87 -14.44 15.32 16.75
C PHE B 87 -13.11 16.01 17.03
N MET B 88 -11.99 15.49 16.52
CA MET B 88 -10.70 16.14 16.78
C MET B 88 -10.63 17.49 16.07
N ASP B 89 -11.07 17.55 14.81
CA ASP B 89 -11.15 18.84 14.11
C ASP B 89 -11.92 19.85 14.94
N ALA B 90 -13.07 19.43 15.49
CA ALA B 90 -13.89 20.36 16.26
C ALA B 90 -13.25 20.69 17.61
N PHE B 91 -12.53 19.72 18.19
CA PHE B 91 -11.79 20.02 19.42
C PHE B 91 -10.78 21.14 19.17
N ILE B 92 -9.97 21.00 18.12
CA ILE B 92 -8.91 21.97 17.89
C ILE B 92 -9.48 23.37 17.66
N GLU B 93 -10.59 23.46 16.93
CA GLU B 93 -11.20 24.77 16.72
C GLU B 93 -11.91 25.29 17.97
N ALA B 94 -12.50 24.41 18.77
CA ALA B 94 -13.16 24.89 19.97
C ALA B 94 -12.17 25.54 20.93
N LEU B 95 -10.92 25.11 20.92
CA LEU B 95 -9.89 25.68 21.77
C LEU B 95 -9.21 26.89 21.15
N GLY B 96 -9.63 27.32 19.96
CA GLY B 96 -9.01 28.45 19.32
C GLY B 96 -7.58 28.24 18.89
N LEU B 97 -7.13 26.98 18.77
CA LEU B 97 -5.74 26.72 18.40
C LEU B 97 -5.46 27.23 16.99
N GLU B 98 -4.29 27.85 16.81
CA GLU B 98 -3.85 28.26 15.48
C GLU B 98 -2.69 27.39 15.03
N GLU B 99 -1.47 27.69 15.44
CA GLU B 99 -0.33 26.83 15.19
C GLU B 99 -0.12 25.90 16.37
N VAL B 100 0.38 24.69 16.09
CA VAL B 100 0.58 23.67 17.13
C VAL B 100 1.82 22.85 16.82
N VAL B 101 2.35 22.20 17.85
CA VAL B 101 3.31 21.11 17.72
C VAL B 101 2.56 19.83 18.10
N LEU B 102 2.75 18.77 17.31
CA LEU B 102 2.06 17.49 17.50
C LEU B 102 2.99 16.47 18.14
N VAL B 103 2.47 15.75 19.13
CA VAL B 103 3.12 14.60 19.74
C VAL B 103 2.08 13.49 19.67
N ILE B 104 2.31 12.48 18.82
CA ILE B 104 1.21 11.60 18.45
C ILE B 104 1.65 10.15 18.44
N HIS B 105 0.69 9.25 18.64
CA HIS B 105 1.00 7.84 18.87
C HIS B 105 -0.14 6.98 18.35
N ASP B 106 0.18 5.92 17.61
CA ASP B 106 -0.85 4.92 17.25
C ASP B 106 -1.98 5.68 16.54
N TRP B 107 -3.25 5.41 16.85
CA TRP B 107 -4.31 6.04 16.06
C TRP B 107 -4.36 7.56 16.25
N GLY B 108 -3.77 8.07 17.35
CA GLY B 108 -3.59 9.50 17.49
C GLY B 108 -2.69 10.09 16.43
N SER B 109 -1.71 9.29 15.95
CA SER B 109 -0.86 9.71 14.83
C SER B 109 -1.64 9.75 13.52
N ALA B 110 -2.55 8.80 13.29
CA ALA B 110 -3.40 8.92 12.11
C ALA B 110 -4.16 10.25 12.14
N LEU B 111 -4.76 10.58 13.30
CA LEU B 111 -5.47 11.85 13.39
C LEU B 111 -4.50 13.02 13.23
N GLY B 112 -3.34 12.95 13.89
CA GLY B 112 -2.39 14.04 13.82
C GLY B 112 -1.83 14.26 12.43
N PHE B 113 -1.36 13.18 11.80
CA PHE B 113 -0.82 13.29 10.44
C PHE B 113 -1.88 13.75 9.44
N HIS B 114 -3.12 13.26 9.59
CA HIS B 114 -4.18 13.65 8.66
C HIS B 114 -4.53 15.12 8.81
N TRP B 115 -4.56 15.62 10.04
CA TRP B 115 -4.80 17.04 10.26
C TRP B 115 -3.65 17.86 9.73
N ALA B 116 -2.43 17.38 9.91
CA ALA B 116 -1.27 18.14 9.45
C ALA B 116 -1.30 18.29 7.93
N LYS B 117 -1.61 17.20 7.22
CA LYS B 117 -1.66 17.30 5.76
C LYS B 117 -2.68 18.32 5.32
N ARG B 118 -3.83 18.37 5.99
CA ARG B 118 -4.88 19.33 5.67
C ARG B 118 -4.56 20.74 6.14
N ASN B 119 -3.61 20.90 7.05
CA ASN B 119 -3.33 22.20 7.67
C ASN B 119 -1.84 22.42 7.82
N PRO B 120 -1.05 22.25 6.74
CA PRO B 120 0.40 22.21 6.91
C PRO B 120 1.01 23.49 7.46
N GLU B 121 0.44 24.65 7.15
CA GLU B 121 1.01 25.91 7.66
C GLU B 121 0.93 25.99 9.17
N ARG B 122 0.00 25.28 9.80
CA ARG B 122 -0.22 25.40 11.23
C ARG B 122 0.57 24.39 12.08
N VAL B 123 1.39 23.54 11.49
CA VAL B 123 2.10 22.49 12.23
C VAL B 123 3.59 22.83 12.24
N LYS B 124 4.14 23.11 13.42
CA LYS B 124 5.52 23.55 13.53
C LYS B 124 6.48 22.43 13.86
N GLY B 125 5.97 21.22 14.10
CA GLY B 125 6.80 20.06 14.32
C GLY B 125 5.91 18.88 14.65
N ILE B 126 6.38 17.66 14.39
CA ILE B 126 5.65 16.45 14.75
C ILE B 126 6.61 15.48 15.42
N ALA B 127 6.34 15.12 16.67
CA ALA B 127 6.97 13.97 17.32
C ALA B 127 5.98 12.82 17.27
N PHE B 128 6.47 11.63 16.90
CA PHE B 128 5.56 10.52 16.73
C PHE B 128 6.28 9.23 17.07
N MET B 129 5.47 8.20 17.32
CA MET B 129 6.01 6.92 17.73
C MET B 129 4.96 5.86 17.48
N GLU B 130 5.42 4.67 17.09
CA GLU B 130 4.54 3.53 16.87
C GLU B 130 3.24 4.01 16.21
N PHE B 131 3.37 4.52 14.99
CA PHE B 131 2.31 5.27 14.32
C PHE B 131 1.69 4.45 13.20
N ILE B 132 0.56 4.94 12.68
CA ILE B 132 -0.17 4.19 11.67
C ILE B 132 0.52 4.39 10.33
N ARG B 133 1.04 3.31 9.77
CA ARG B 133 1.60 3.28 8.43
C ARG B 133 1.01 2.10 7.71
N PRO B 134 1.02 2.11 6.38
CA PRO B 134 0.48 0.97 5.64
C PRO B 134 1.38 -0.24 5.87
N ILE B 135 0.77 -1.35 6.25
CA ILE B 135 1.44 -2.62 6.50
C ILE B 135 1.26 -3.47 5.23
N PRO B 136 2.33 -3.77 4.50
CA PRO B 136 2.12 -4.39 3.18
C PRO B 136 1.38 -5.73 3.23
N THR B 137 1.80 -6.64 4.10
CA THR B 137 1.13 -7.93 4.27
C THR B 137 1.12 -8.29 5.75
N TRP B 138 0.40 -9.36 6.09
CA TRP B 138 0.44 -9.85 7.47
C TRP B 138 1.82 -10.25 7.92
N ASP B 139 2.78 -10.39 6.99
CA ASP B 139 4.14 -10.74 7.34
C ASP B 139 4.89 -9.62 8.04
N GLU B 140 4.44 -8.37 7.90
CA GLU B 140 5.05 -7.28 8.63
C GLU B 140 4.37 -7.01 9.96
N TRP B 141 3.30 -7.73 10.29
CA TRP B 141 2.76 -7.68 11.63
C TRP B 141 3.51 -8.67 12.53
N PRO B 142 3.85 -8.29 13.76
CA PRO B 142 4.65 -9.18 14.60
C PRO B 142 4.00 -10.53 14.74
N GLU B 143 4.80 -11.59 14.57
CA GLU B 143 4.23 -12.92 14.53
C GLU B 143 3.49 -13.24 15.81
N PHE B 144 3.98 -12.75 16.95
CA PHE B 144 3.38 -13.13 18.21
C PHE B 144 1.98 -12.55 18.39
N ALA B 145 1.65 -11.49 17.64
CA ALA B 145 0.34 -10.87 17.74
C ALA B 145 -0.50 -11.10 16.49
N ARG B 146 -0.03 -11.92 15.55
CA ARG B 146 -0.63 -11.95 14.22
C ARG B 146 -2.00 -12.63 14.25
N GLU B 147 -2.09 -13.80 14.88
CA GLU B 147 -3.36 -14.52 14.91
C GLU B 147 -4.43 -13.71 15.63
N THR B 148 -4.10 -13.08 16.75
CA THR B 148 -5.10 -12.35 17.51
C THR B 148 -5.67 -11.18 16.70
N PHE B 149 -4.79 -10.40 16.07
CA PHE B 149 -5.29 -9.25 15.30
C PHE B 149 -6.09 -9.70 14.08
N GLN B 150 -5.75 -10.86 13.51
CA GLN B 150 -6.59 -11.43 12.45
C GLN B 150 -7.95 -11.81 12.99
N ALA B 151 -8.03 -12.25 14.25
CA ALA B 151 -9.32 -12.55 14.85
C ALA B 151 -10.10 -11.28 15.17
N PHE B 152 -9.42 -10.24 15.67
CA PHE B 152 -10.06 -8.94 15.86
C PHE B 152 -10.81 -8.50 14.60
N ARG B 153 -10.27 -8.84 13.42
CA ARG B 153 -10.76 -8.35 12.14
C ARG B 153 -11.63 -9.37 11.41
N THR B 154 -12.14 -10.39 12.09
CA THR B 154 -13.04 -11.35 11.47
C THR B 154 -14.43 -11.13 12.03
N THR B 155 -15.42 -11.28 11.16
CA THR B 155 -16.81 -11.04 11.56
C THR B 155 -17.20 -11.93 12.75
N ASP B 156 -17.87 -11.30 13.73
CA ASP B 156 -18.39 -12.00 14.91
C ASP B 156 -17.28 -12.29 15.92
N VAL B 157 -16.27 -13.06 15.52
CA VAL B 157 -15.22 -13.43 16.48
C VAL B 157 -14.55 -12.18 17.05
N GLY B 158 -14.26 -11.20 16.20
CA GLY B 158 -13.58 -10.01 16.69
C GLY B 158 -14.39 -9.24 17.72
N ARG B 159 -15.71 -9.15 17.50
CA ARG B 159 -16.57 -8.47 18.47
C ARG B 159 -16.65 -9.22 19.79
N LYS B 160 -16.72 -10.56 19.76
CA LYS B 160 -16.78 -11.30 21.01
C LYS B 160 -15.50 -11.12 21.81
N LEU B 161 -14.35 -11.11 21.13
CA LEU B 161 -13.09 -10.90 21.83
C LEU B 161 -13.03 -9.51 22.47
N ILE B 162 -13.24 -8.47 21.67
CA ILE B 162 -12.98 -7.11 22.14
C ILE B 162 -14.16 -6.56 22.92
N ILE B 163 -15.37 -6.72 22.41
CA ILE B 163 -16.52 -6.08 23.05
C ILE B 163 -17.03 -6.94 24.21
N ASP B 164 -17.20 -8.24 24.00
CA ASP B 164 -17.79 -9.08 25.04
C ASP B 164 -16.77 -9.47 26.10
N GLN B 165 -15.53 -9.81 25.71
CA GLN B 165 -14.54 -10.32 26.65
C GLN B 165 -13.43 -9.33 26.98
N ASN B 166 -13.48 -8.12 26.43
CA ASN B 166 -12.52 -7.06 26.74
C ASN B 166 -11.06 -7.48 26.52
N VAL B 167 -10.81 -8.25 25.45
CA VAL B 167 -9.46 -8.76 25.23
C VAL B 167 -8.49 -7.61 24.91
N PHE B 168 -8.95 -6.56 24.23
CA PHE B 168 -8.03 -5.49 23.88
C PHE B 168 -7.48 -4.82 25.12
N ILE B 169 -8.31 -4.68 26.17
CA ILE B 169 -7.84 -4.07 27.41
C ILE B 169 -7.10 -5.09 28.26
N GLU B 170 -7.67 -6.28 28.45
CA GLU B 170 -7.09 -7.20 29.43
C GLU B 170 -5.85 -7.92 28.90
N GLY B 171 -5.74 -8.11 27.59
CA GLY B 171 -4.62 -8.84 27.06
C GLY B 171 -3.75 -8.05 26.10
N THR B 172 -4.37 -7.40 25.10
CA THR B 172 -3.57 -6.72 24.09
C THR B 172 -2.80 -5.56 24.69
N LEU B 173 -3.45 -4.77 25.55
CA LEU B 173 -2.78 -3.63 26.16
C LEU B 173 -1.51 -4.01 26.92
N PRO B 174 -1.56 -4.90 27.92
CA PRO B 174 -0.32 -5.29 28.61
C PRO B 174 0.72 -5.88 27.66
N MET B 175 0.28 -6.57 26.61
CA MET B 175 1.21 -7.10 25.63
C MET B 175 1.76 -6.05 24.67
N GLY B 176 1.39 -4.77 24.82
CA GLY B 176 2.02 -3.69 24.10
C GLY B 176 3.08 -2.97 24.90
N VAL B 177 3.40 -3.49 26.08
CA VAL B 177 4.38 -2.91 26.99
C VAL B 177 5.34 -4.02 27.37
N VAL B 178 6.64 -3.73 27.32
CA VAL B 178 7.63 -4.74 27.71
C VAL B 178 7.62 -4.98 29.22
N ARG B 179 7.72 -3.91 30.02
CA ARG B 179 7.61 -4.07 31.46
C ARG B 179 6.16 -4.41 31.83
N PRO B 180 5.93 -5.03 32.98
CA PRO B 180 4.57 -5.38 33.39
C PRO B 180 3.80 -4.14 33.85
N LEU B 181 2.62 -3.91 33.27
CA LEU B 181 1.75 -2.86 33.79
C LEU B 181 1.21 -3.26 35.15
N THR B 182 1.19 -2.31 36.08
CA THR B 182 0.69 -2.60 37.42
C THR B 182 -0.83 -2.58 37.44
N GLU B 183 -1.42 -3.01 38.58
CA GLU B 183 -2.88 -3.00 38.69
C GLU B 183 -3.41 -1.58 38.73
N VAL B 184 -2.66 -0.67 39.36
CA VAL B 184 -3.06 0.74 39.39
C VAL B 184 -3.11 1.31 37.97
N GLU B 185 -2.08 1.04 37.18
CA GLU B 185 -2.09 1.48 35.78
C GLU B 185 -3.23 0.82 35.00
N MET B 186 -3.38 -0.50 35.16
CA MET B 186 -4.47 -1.20 34.46
C MET B 186 -5.82 -0.60 34.84
N ASP B 187 -6.01 -0.27 36.11
CA ASP B 187 -7.26 0.36 36.56
C ASP B 187 -7.57 1.62 35.77
N HIS B 188 -6.58 2.52 35.63
CA HIS B 188 -6.81 3.72 34.83
C HIS B 188 -7.21 3.36 33.41
N TYR B 189 -6.57 2.34 32.82
CA TYR B 189 -6.86 2.02 31.43
C TYR B 189 -8.21 1.32 31.29
N ARG B 190 -8.62 0.55 32.31
CA ARG B 190 -9.89 -0.17 32.30
C ARG B 190 -11.10 0.73 32.53
N GLU B 191 -10.92 1.78 33.33
N GLU B 191 -10.93 1.76 33.38
CA GLU B 191 -12.09 2.53 33.82
CA GLU B 191 -12.05 2.58 33.83
C GLU B 191 -13.00 3.04 32.73
C GLU B 191 -13.00 3.00 32.71
N PRO B 192 -12.54 3.57 31.59
CA PRO B 192 -13.49 4.08 30.58
C PRO B 192 -14.32 2.98 29.93
N PHE B 193 -13.99 1.70 30.13
CA PHE B 193 -14.55 0.59 29.34
C PHE B 193 -15.09 -0.52 30.23
N LEU B 194 -15.48 -0.19 31.47
CA LEU B 194 -16.07 -1.20 32.34
C LEU B 194 -17.38 -1.74 31.77
N ASN B 195 -18.10 -0.95 31.00
CA ASN B 195 -19.39 -1.35 30.44
C ASN B 195 -19.21 -1.83 29.01
N PRO B 196 -19.60 -3.06 28.66
CA PRO B 196 -19.38 -3.53 27.28
C PRO B 196 -19.98 -2.62 26.22
N VAL B 197 -21.08 -1.91 26.50
CA VAL B 197 -21.66 -1.04 25.47
C VAL B 197 -20.71 0.07 25.06
N ASP B 198 -19.70 0.37 25.88
CA ASP B 198 -18.79 1.47 25.58
C ASP B 198 -17.55 1.01 24.80
N ARG B 199 -17.48 -0.26 24.39
CA ARG B 199 -16.25 -0.77 23.82
C ARG B 199 -16.20 -0.72 22.30
N GLU B 200 -17.17 -0.10 21.65
CA GLU B 200 -17.15 -0.06 20.19
C GLU B 200 -15.87 0.56 19.62
N PRO B 201 -15.34 1.66 20.17
CA PRO B 201 -14.12 2.24 19.59
C PRO B 201 -12.94 1.28 19.63
N LEU B 202 -12.89 0.41 20.64
CA LEU B 202 -11.82 -0.57 20.76
C LEU B 202 -11.85 -1.59 19.62
N TRP B 203 -13.03 -1.90 19.11
CA TRP B 203 -13.14 -2.86 18.03
C TRP B 203 -13.02 -2.21 16.66
N ARG B 204 -13.52 -0.98 16.50
CA ARG B 204 -13.39 -0.31 15.22
C ARG B 204 -11.93 -0.06 14.85
N PHE B 205 -11.10 0.37 15.81
CA PHE B 205 -9.72 0.74 15.51
C PHE B 205 -8.93 -0.39 14.85
N PRO B 206 -8.84 -1.59 15.43
CA PRO B 206 -8.07 -2.65 14.78
C PRO B 206 -8.65 -3.03 13.44
N ASN B 207 -9.96 -2.86 13.26
CA ASN B 207 -10.58 -3.14 11.97
C ASN B 207 -10.32 -2.05 10.94
N GLU B 208 -9.62 -0.99 11.35
CA GLU B 208 -9.24 0.05 10.43
C GLU B 208 -7.75 0.06 10.12
N LEU B 209 -6.96 -0.77 10.80
CA LEU B 209 -5.53 -0.80 10.52
C LEU B 209 -5.30 -1.09 9.04
N PRO B 210 -4.47 -0.29 8.35
CA PRO B 210 -4.27 -0.55 6.90
C PRO B 210 -3.31 -1.71 6.65
N ILE B 211 -3.84 -2.92 6.43
CA ILE B 211 -2.99 -4.11 6.34
C ILE B 211 -3.30 -4.84 5.03
N ALA B 212 -2.27 -5.11 4.23
CA ALA B 212 -2.44 -5.80 2.96
C ALA B 212 -3.51 -5.14 2.11
N GLY B 213 -3.57 -3.81 2.13
CA GLY B 213 -4.49 -3.10 1.24
C GLY B 213 -5.91 -2.91 1.72
N GLU B 214 -6.26 -3.33 2.94
CA GLU B 214 -7.64 -3.25 3.40
C GLU B 214 -7.69 -2.74 4.83
N PRO B 215 -8.69 -1.91 5.18
CA PRO B 215 -9.71 -1.33 4.29
C PRO B 215 -9.12 -0.24 3.39
N ALA B 216 -9.48 -0.22 2.11
CA ALA B 216 -8.79 0.66 1.17
C ALA B 216 -8.96 2.12 1.54
N ASN B 217 -10.08 2.51 2.14
CA ASN B 217 -10.28 3.91 2.46
C ASN B 217 -9.23 4.41 3.45
N ILE B 218 -8.93 3.62 4.49
CA ILE B 218 -7.90 4.01 5.44
C ILE B 218 -6.51 3.89 4.81
N VAL B 219 -6.30 2.88 3.95
CA VAL B 219 -5.03 2.78 3.26
C VAL B 219 -4.77 4.04 2.45
N ALA B 220 -5.79 4.53 1.74
CA ALA B 220 -5.58 5.72 0.92
C ALA B 220 -5.33 6.94 1.78
N LEU B 221 -6.05 7.06 2.89
CA LEU B 221 -5.87 8.23 3.76
C LEU B 221 -4.47 8.23 4.37
N VAL B 222 -4.00 7.06 4.80
CA VAL B 222 -2.68 6.95 5.42
C VAL B 222 -1.57 7.18 4.39
N GLU B 223 -1.64 6.51 3.24
CA GLU B 223 -0.62 6.74 2.22
C GLU B 223 -0.61 8.21 1.81
N GLU B 224 -1.77 8.86 1.84
CA GLU B 224 -1.84 10.28 1.50
C GLU B 224 -1.03 11.13 2.47
N TYR B 225 -1.18 10.90 3.78
CA TYR B 225 -0.39 11.71 4.69
C TYR B 225 1.05 11.23 4.79
N MET B 226 1.32 9.97 4.46
CA MET B 226 2.70 9.52 4.39
C MET B 226 3.41 10.19 3.20
N ASP B 227 2.74 10.28 2.04
CA ASP B 227 3.31 11.03 0.93
C ASP B 227 3.54 12.49 1.29
N TRP B 228 2.57 13.12 1.95
CA TRP B 228 2.76 14.49 2.42
C TRP B 228 4.01 14.59 3.28
N LEU B 229 4.17 13.64 4.22
CA LEU B 229 5.27 13.68 5.17
C LEU B 229 6.62 13.54 4.48
N HIS B 230 6.71 12.68 3.46
CA HIS B 230 7.97 12.49 2.78
C HIS B 230 8.41 13.78 2.07
N GLN B 231 7.47 14.60 1.62
CA GLN B 231 7.82 15.81 0.92
C GLN B 231 7.73 17.07 1.80
N SER B 232 7.46 16.92 3.10
CA SER B 232 7.36 18.12 3.93
C SER B 232 8.66 18.38 4.68
N PRO B 233 9.08 19.64 4.77
CA PRO B 233 10.24 20.00 5.58
C PRO B 233 9.94 20.16 7.06
N VAL B 234 8.71 19.83 7.49
CA VAL B 234 8.34 20.04 8.89
C VAL B 234 9.30 19.27 9.79
N PRO B 235 9.76 19.84 10.89
CA PRO B 235 10.60 19.08 11.82
C PRO B 235 9.88 17.83 12.31
N LYS B 236 10.61 16.71 12.30
CA LYS B 236 10.10 15.39 12.67
C LYS B 236 10.99 14.76 13.72
N LEU B 237 10.36 14.12 14.71
CA LEU B 237 11.05 13.37 15.75
C LEU B 237 10.34 12.04 15.90
N LEU B 238 11.05 10.96 15.55
CA LEU B 238 10.54 9.60 15.62
C LEU B 238 11.19 8.84 16.77
N PHE B 239 10.36 8.26 17.64
CA PHE B 239 10.81 7.34 18.69
C PHE B 239 10.44 5.91 18.29
N TRP B 240 11.37 4.98 18.52
CA TRP B 240 11.16 3.59 18.15
C TRP B 240 11.76 2.70 19.22
N GLY B 241 11.26 1.46 19.32
CA GLY B 241 11.82 0.49 20.22
C GLY B 241 12.04 -0.85 19.54
N THR B 242 12.68 -1.74 20.28
CA THR B 242 12.93 -3.09 19.85
C THR B 242 12.11 -4.04 20.70
N PRO B 243 11.30 -4.94 20.10
CA PRO B 243 11.11 -5.14 18.65
C PRO B 243 10.09 -4.18 18.04
N GLY B 244 9.36 -3.41 18.84
CA GLY B 244 8.30 -2.56 18.29
C GLY B 244 7.12 -3.43 17.87
N VAL B 245 6.07 -2.77 17.39
CA VAL B 245 4.90 -3.46 16.86
C VAL B 245 4.57 -2.91 15.49
N LEU B 246 4.14 -1.65 15.44
CA LEU B 246 3.83 -1.04 14.14
C LEU B 246 5.08 -0.63 13.37
N ILE B 247 6.16 -0.27 14.07
CA ILE B 247 7.42 0.22 13.50
C ILE B 247 8.58 -0.62 14.02
N PRO B 248 8.94 -1.70 13.35
CA PRO B 248 10.15 -2.45 13.74
C PRO B 248 11.40 -1.62 13.51
N PRO B 249 12.53 -2.00 14.13
CA PRO B 249 13.75 -1.19 14.03
C PRO B 249 14.18 -0.92 12.60
N ALA B 250 13.99 -1.87 11.68
CA ALA B 250 14.40 -1.64 10.29
C ALA B 250 13.54 -0.58 9.62
N GLU B 251 12.23 -0.64 9.82
CA GLU B 251 11.35 0.41 9.29
C GLU B 251 11.72 1.78 9.85
N ALA B 252 12.06 1.86 11.14
CA ALA B 252 12.45 3.14 11.72
C ALA B 252 13.71 3.70 11.05
N ALA B 253 14.70 2.85 10.83
CA ALA B 253 15.93 3.31 10.18
C ALA B 253 15.65 3.85 8.78
N ARG B 254 14.84 3.13 8.00
CA ARG B 254 14.44 3.64 6.68
C ARG B 254 13.79 5.02 6.79
N LEU B 255 12.86 5.17 7.73
CA LEU B 255 12.10 6.42 7.80
C LEU B 255 13.00 7.60 8.15
N ALA B 256 13.92 7.42 9.10
CA ALA B 256 14.80 8.52 9.46
C ALA B 256 15.68 8.96 8.30
N LYS B 257 15.88 8.08 7.32
CA LYS B 257 16.62 8.40 6.12
C LYS B 257 15.72 9.03 5.07
N SER B 258 14.52 8.50 4.85
CA SER B 258 13.69 8.98 3.77
C SER B 258 12.84 10.18 4.14
N LEU B 259 12.61 10.44 5.44
CA LEU B 259 11.80 11.60 5.81
C LEU B 259 12.70 12.82 6.01
N PRO B 260 12.34 13.97 5.45
CA PRO B 260 13.16 15.17 5.63
C PRO B 260 13.13 15.68 7.07
N ASN B 261 14.27 16.17 7.55
CA ASN B 261 14.32 16.85 8.84
CA ASN B 261 14.35 16.84 8.86
C ASN B 261 13.81 15.96 9.97
N CYS B 262 14.23 14.69 9.96
CA CYS B 262 13.73 13.69 10.90
C CYS B 262 14.86 13.16 11.77
N LYS B 263 14.70 13.32 13.08
CA LYS B 263 15.57 12.74 14.09
C LYS B 263 14.93 11.45 14.62
N ALA B 264 15.66 10.35 14.57
CA ALA B 264 15.19 9.08 15.12
C ALA B 264 15.88 8.83 16.47
N VAL B 265 15.10 8.34 17.44
CA VAL B 265 15.60 8.09 18.79
C VAL B 265 15.22 6.68 19.22
N ASP B 266 16.22 5.88 19.56
CA ASP B 266 16.01 4.51 20.02
C ASP B 266 15.75 4.55 21.52
N ILE B 267 14.58 4.06 21.95
CA ILE B 267 14.26 4.10 23.37
C ILE B 267 14.61 2.81 24.06
N GLY B 268 15.26 1.87 23.36
CA GLY B 268 15.56 0.58 23.93
C GLY B 268 14.43 -0.42 23.77
N PRO B 269 14.25 -1.31 24.75
CA PRO B 269 13.17 -2.28 24.67
C PRO B 269 11.83 -1.57 24.58
N GLY B 270 10.99 -2.00 23.64
CA GLY B 270 9.69 -1.38 23.43
C GLY B 270 8.81 -2.15 22.48
N LEU B 271 7.48 -2.09 22.66
CA LEU B 271 6.55 -2.76 21.77
C LEU B 271 5.66 -1.73 21.10
N ASN B 272 4.50 -1.37 21.69
CA ASN B 272 3.67 -0.30 21.14
C ASN B 272 3.60 0.93 22.03
N LEU B 273 3.25 0.76 23.31
CA LEU B 273 3.14 1.88 24.25
C LEU B 273 4.54 2.27 24.74
N LEU B 274 5.33 2.81 23.80
CA LEU B 274 6.69 3.21 24.12
C LEU B 274 6.75 4.16 25.32
N GLN B 275 5.68 4.95 25.53
CA GLN B 275 5.64 5.86 26.67
C GLN B 275 5.67 5.13 28.00
N GLU B 276 5.22 3.87 28.03
CA GLU B 276 5.18 3.13 29.29
C GLU B 276 6.52 2.47 29.60
N ASP B 277 7.37 2.29 28.61
CA ASP B 277 8.65 1.62 28.85
C ASP B 277 9.80 2.59 29.08
N ASN B 278 9.80 3.75 28.43
CA ASN B 278 10.88 4.72 28.63
C ASN B 278 10.32 6.14 28.55
N PRO B 279 9.43 6.52 29.47
CA PRO B 279 8.91 7.90 29.44
C PRO B 279 10.00 8.95 29.66
N ASP B 280 10.97 8.66 30.53
CA ASP B 280 12.01 9.64 30.81
C ASP B 280 12.73 10.08 29.54
N LEU B 281 13.17 9.13 28.72
CA LEU B 281 13.90 9.50 27.51
C LEU B 281 12.97 10.20 26.50
N ILE B 282 11.73 9.73 26.37
CA ILE B 282 10.82 10.33 25.40
C ILE B 282 10.55 11.79 25.74
N GLY B 283 10.23 12.06 27.01
CA GLY B 283 9.94 13.42 27.39
C GLY B 283 11.17 14.31 27.31
N SER B 284 12.31 13.77 27.75
CA SER B 284 13.55 14.54 27.73
C SER B 284 13.86 14.98 26.30
N GLU B 285 13.79 14.05 25.36
CA GLU B 285 14.14 14.36 23.97
C GLU B 285 13.08 15.27 23.33
N ILE B 286 11.80 15.09 23.67
CA ILE B 286 10.82 16.03 23.16
C ILE B 286 11.15 17.43 23.66
N ALA B 287 11.46 17.54 24.95
CA ALA B 287 11.79 18.85 25.51
C ALA B 287 12.97 19.48 24.77
N ARG B 288 14.04 18.73 24.59
CA ARG B 288 15.19 19.26 23.87
C ARG B 288 14.82 19.61 22.44
N TRP B 289 14.07 18.74 21.78
CA TRP B 289 13.72 18.99 20.39
C TRP B 289 12.84 20.22 20.25
N LEU B 290 11.93 20.44 21.22
CA LEU B 290 11.06 21.61 21.16
C LEU B 290 11.84 22.91 21.03
N SER B 291 13.03 22.97 21.60
CA SER B 291 13.81 24.20 21.54
C SER B 291 14.47 24.42 20.18
N THR B 292 14.29 23.52 19.23
CA THR B 292 14.82 23.71 17.89
C THR B 292 13.76 24.15 16.88
N LEU B 293 12.54 24.42 17.32
CA LEU B 293 11.43 24.70 16.43
C LEU B 293 11.13 26.19 16.35
N GLU B 294 10.43 26.57 15.27
CA GLU B 294 9.91 27.93 15.07
C GLU B 294 10.95 28.99 15.46
#